data_1X1V
#
_entry.id   1X1V
#
_cell.length_a   80.820
_cell.length_b   80.820
_cell.length_c   148.000
_cell.angle_alpha   90.00
_cell.angle_beta   90.00
_cell.angle_gamma   120.00
#
_symmetry.space_group_name_H-M   'P 32 2 1'
#
loop_
_entity.id
_entity.type
_entity.pdbx_description
1 polymer lectin
2 non-polymer 'methyl alpha-D-mannopyranoside'
3 non-polymer 'ZINC ION'
4 non-polymer HEXANE-1,6-DIOL
5 water water
#
_entity_poly.entity_id   1
_entity_poly.type   'polypeptide(L)'
_entity_poly.pdbx_seq_one_letter_code
;MNGAIKVGAWGGNGGSAFDMGPAYRIISVKIFSGDVVDAVDVTFTYYGKTETRHFGGSGGTPHEIVLQEGEYLVGMKGEF
GNYHGVVVVGKLGFSTNKKSYGPFGNTGGTPFSLPIAAGKISGFFGRGGDFIDAIGVYLEP
;
_entity_poly.pdbx_strand_id   A,B
#
loop_
_chem_comp.id
_chem_comp.type
_chem_comp.name
_chem_comp.formula
HEZ non-polymer HEXANE-1,6-DIOL 'C6 H14 O2'
MMA D-saccharide 'methyl alpha-D-mannopyranoside' 'C7 H14 O6'
ZN non-polymer 'ZINC ION' 'Zn 2'
#
# COMPACT_ATOMS: atom_id res chain seq x y z
N ALA A 4 9.20 11.75 -4.63
CA ALA A 4 7.90 12.39 -5.03
C ALA A 4 6.70 11.51 -4.68
N ILE A 5 6.86 10.19 -4.71
CA ILE A 5 5.79 9.28 -4.28
C ILE A 5 6.26 8.34 -3.17
N LYS A 6 5.85 8.66 -1.95
CA LYS A 6 6.29 7.95 -0.76
C LYS A 6 5.07 7.33 -0.10
N VAL A 7 5.17 6.05 0.20
CA VAL A 7 4.04 5.27 0.64
C VAL A 7 4.40 4.53 1.92
N GLY A 8 3.48 4.59 2.87
CA GLY A 8 3.60 3.87 4.11
C GLY A 8 4.41 4.58 5.19
N ALA A 9 5.58 3.87 5.63
CA ALA A 9 5.83 3.82 7.04
C ALA A 9 4.64 3.01 7.53
N TRP A 10 4.87 1.70 7.60
CA TRP A 10 4.11 0.75 8.39
C TRP A 10 5.01 0.31 9.54
N GLY A 11 4.48 0.45 10.76
CA GLY A 11 5.23 0.17 11.97
C GLY A 11 4.86 1.13 13.09
N GLY A 12 5.80 1.35 14.01
CA GLY A 12 5.59 2.19 15.19
C GLY A 12 6.38 3.47 15.16
N ASN A 13 6.30 4.23 16.25
CA ASN A 13 6.91 5.57 16.36
C ASN A 13 8.28 5.55 17.04
N GLY A 14 8.67 4.37 17.56
CA GLY A 14 9.94 4.24 18.27
C GLY A 14 11.12 4.39 17.33
N GLY A 15 12.32 4.18 17.86
CA GLY A 15 13.54 4.36 17.08
C GLY A 15 13.70 5.77 16.55
N SER A 16 14.63 5.95 15.63
CA SER A 16 14.86 7.24 14.98
C SER A 16 14.66 7.12 13.47
N ALA A 17 14.48 8.26 12.81
CA ALA A 17 14.17 8.25 11.38
C ALA A 17 15.36 7.84 10.51
N PHE A 18 15.04 7.15 9.42
CA PHE A 18 15.96 6.95 8.32
C PHE A 18 15.23 7.24 7.02
N ASP A 19 16.02 7.46 5.97
CA ASP A 19 15.49 7.80 4.66
C ASP A 19 16.66 7.74 3.68
N MET A 20 16.70 6.74 2.82
CA MET A 20 17.80 6.63 1.84
C MET A 20 17.46 7.34 0.56
N GLY A 21 16.22 7.80 0.43
CA GLY A 21 15.75 8.37 -0.82
C GLY A 21 15.66 7.30 -1.90
N PRO A 22 15.29 7.73 -3.11
CA PRO A 22 15.16 6.81 -4.23
C PRO A 22 16.51 6.49 -4.84
N ALA A 23 16.63 5.31 -5.44
CA ALA A 23 17.86 4.88 -6.09
C ALA A 23 17.62 4.78 -7.57
N TYR A 24 18.68 4.61 -8.33
CA TYR A 24 18.57 4.28 -9.74
C TYR A 24 18.18 2.81 -9.90
N ARG A 25 18.89 1.94 -9.19
CA ARG A 25 18.58 0.51 -9.18
C ARG A 25 18.86 -0.07 -7.79
N ILE A 26 17.93 -0.87 -7.27
CA ILE A 26 18.19 -1.66 -6.08
C ILE A 26 19.03 -2.85 -6.52
N ILE A 27 20.17 -3.05 -5.87
CA ILE A 27 20.99 -4.21 -6.19
C ILE A 27 20.60 -5.40 -5.30
N SER A 28 20.40 -5.16 -4.01
CA SER A 28 20.09 -6.23 -3.09
C SER A 28 19.45 -5.71 -1.82
N VAL A 29 18.63 -6.55 -1.20
CA VAL A 29 17.99 -6.23 0.06
C VAL A 29 18.24 -7.41 0.99
N LYS A 30 18.77 -7.13 2.15
CA LYS A 30 19.17 -8.16 3.10
C LYS A 30 18.39 -7.91 4.37
N ILE A 31 17.41 -8.77 4.65
CA ILE A 31 16.60 -8.69 5.86
C ILE A 31 17.22 -9.56 6.92
N PHE A 32 17.62 -8.94 8.02
CA PHE A 32 18.01 -9.66 9.23
C PHE A 32 16.75 -9.85 10.08
N SER A 33 16.47 -11.09 10.47
CA SER A 33 15.34 -11.39 11.32
C SER A 33 15.58 -12.59 12.21
N GLY A 34 14.94 -12.55 13.38
CA GLY A 34 14.84 -13.70 14.26
C GLY A 34 13.35 -13.89 14.41
N ASP A 35 12.85 -13.72 15.63
CA ASP A 35 11.39 -13.71 15.84
C ASP A 35 10.80 -12.34 15.47
N VAL A 36 11.66 -11.35 15.29
CA VAL A 36 11.25 -10.04 14.78
C VAL A 36 12.20 -9.61 13.66
N VAL A 37 11.83 -8.59 12.90
CA VAL A 37 12.71 -8.05 11.88
C VAL A 37 13.72 -7.08 12.52
N ASP A 38 14.98 -7.50 12.57
CA ASP A 38 16.00 -6.68 13.23
C ASP A 38 16.44 -5.55 12.33
N ALA A 39 16.70 -5.83 11.06
CA ALA A 39 17.26 -4.82 10.17
C ALA A 39 17.17 -5.15 8.70
N VAL A 40 17.45 -4.14 7.89
CA VAL A 40 17.56 -4.30 6.46
C VAL A 40 18.83 -3.60 6.00
N ASP A 41 19.63 -4.28 5.20
CA ASP A 41 20.66 -3.64 4.38
C ASP A 41 20.11 -3.48 2.97
N VAL A 42 20.28 -2.30 2.38
CA VAL A 42 19.98 -2.10 0.97
C VAL A 42 21.25 -1.61 0.28
N THR A 43 21.66 -2.30 -0.79
CA THR A 43 22.70 -1.78 -1.64
C THR A 43 22.11 -1.46 -2.99
N PHE A 44 22.52 -0.31 -3.52
CA PHE A 44 21.88 0.26 -4.71
C PHE A 44 22.86 1.16 -5.46
N THR A 45 22.53 1.47 -6.71
CA THR A 45 23.32 2.45 -7.43
C THR A 45 22.62 3.81 -7.37
N TYR A 46 23.44 4.86 -7.44
CA TYR A 46 23.01 6.25 -7.24
C TYR A 46 24.00 7.19 -7.93
N TYR A 47 23.60 7.70 -9.10
CA TYR A 47 24.37 8.69 -9.87
C TYR A 47 25.81 8.26 -10.10
N GLY A 48 25.95 7.04 -10.61
CA GLY A 48 27.24 6.47 -10.98
C GLY A 48 27.96 5.72 -9.87
N LYS A 49 27.37 5.69 -8.67
CA LYS A 49 28.02 5.10 -7.49
C LYS A 49 27.18 3.97 -6.92
N THR A 50 27.85 3.00 -6.29
CA THR A 50 27.15 1.98 -5.51
C THR A 50 27.25 2.36 -4.04
N GLU A 51 26.14 2.20 -3.33
CA GLU A 51 25.99 2.63 -1.95
C GLU A 51 25.32 1.52 -1.13
N THR A 52 25.60 1.47 0.18
CA THR A 52 24.91 0.61 1.13
C THR A 52 24.56 1.39 2.37
N ARG A 53 23.41 1.12 2.99
CA ARG A 53 22.96 1.90 4.14
C ARG A 53 22.92 1.20 5.52
N HIS A 54 22.11 -0.14 5.62
CA HIS A 54 21.81 -0.76 6.95
C HIS A 54 21.10 0.15 7.96
N PHE A 55 19.70 -0.22 8.06
CA PHE A 55 18.72 0.38 8.96
C PHE A 55 18.34 -0.62 10.04
N GLY A 56 18.52 -0.23 11.29
CA GLY A 56 17.88 -0.89 12.42
C GLY A 56 18.60 -2.01 13.18
N GLY A 57 19.79 -1.77 13.69
CA GLY A 57 20.35 -2.70 14.69
C GLY A 57 20.93 -4.01 14.18
N SER A 58 21.76 -4.59 14.57
CA SER A 58 22.49 -5.87 14.68
C SER A 58 21.55 -6.96 15.21
N GLY A 59 21.52 -8.01 15.36
CA GLY A 59 20.41 -8.94 15.51
C GLY A 59 20.01 -9.80 14.33
N GLY A 60 19.63 -11.05 14.61
CA GLY A 60 18.99 -11.90 13.61
C GLY A 60 19.90 -12.60 12.62
N THR A 61 19.26 -13.34 11.73
CA THR A 61 19.91 -14.06 10.65
C THR A 61 19.63 -13.32 9.35
N PRO A 62 20.63 -13.20 8.46
CA PRO A 62 20.45 -12.50 7.19
C PRO A 62 19.71 -13.31 6.12
N HIS A 63 18.84 -12.65 5.36
CA HIS A 63 18.20 -13.24 4.17
C HIS A 63 18.39 -12.28 3.01
N GLU A 64 19.26 -12.64 2.07
CA GLU A 64 19.63 -11.75 0.98
C GLU A 64 18.71 -11.95 -0.23
N ILE A 65 18.05 -10.88 -0.66
CA ILE A 65 17.38 -10.84 -1.96
C ILE A 65 18.32 -10.10 -2.92
N VAL A 66 18.72 -10.76 -3.99
CA VAL A 66 19.60 -10.14 -4.97
C VAL A 66 18.83 -10.01 -6.28
N LEU A 67 18.78 -8.79 -6.81
CA LEU A 67 17.99 -8.50 -8.01
C LEU A 67 18.83 -8.66 -9.28
N GLN A 68 18.37 -9.57 -10.15
CA GLN A 68 19.03 -9.84 -11.42
C GLN A 68 18.72 -8.76 -12.47
N GLU A 69 19.08 -9.07 -13.72
CA GLU A 69 19.02 -8.14 -14.85
C GLU A 69 17.75 -7.30 -14.94
N GLY A 70 16.63 -7.92 -15.32
CA GLY A 70 15.37 -7.20 -15.46
C GLY A 70 14.45 -7.39 -14.29
N GLU A 71 15.02 -7.47 -13.08
CA GLU A 71 14.25 -7.78 -11.89
C GLU A 71 14.04 -6.54 -11.04
N TYR A 72 12.81 -6.36 -10.57
CA TYR A 72 12.40 -5.18 -9.82
C TYR A 72 11.51 -5.60 -8.67
N LEU A 73 11.56 -4.83 -7.58
CA LEU A 73 10.67 -5.05 -6.47
C LEU A 73 9.27 -4.52 -6.81
N VAL A 74 8.28 -5.41 -6.86
CA VAL A 74 6.89 -5.04 -7.16
C VAL A 74 5.92 -5.39 -6.03
N GLY A 75 6.46 -5.62 -4.84
CA GLY A 75 5.62 -5.93 -3.70
C GLY A 75 6.35 -5.93 -2.39
N MET A 76 5.71 -5.39 -1.37
CA MET A 76 6.18 -5.48 0.00
C MET A 76 5.02 -5.84 0.90
N LYS A 77 5.28 -6.72 1.87
CA LYS A 77 4.27 -7.25 2.76
C LYS A 77 4.88 -7.52 4.12
N GLY A 78 4.09 -7.35 5.17
CA GLY A 78 4.54 -7.76 6.50
C GLY A 78 3.48 -7.67 7.57
N GLU A 79 3.94 -7.74 8.82
CA GLU A 79 3.09 -7.53 9.97
C GLU A 79 3.83 -6.67 10.98
N PHE A 80 3.11 -5.75 11.63
CA PHE A 80 3.69 -4.99 12.73
C PHE A 80 2.92 -5.21 14.02
N GLY A 81 3.65 -5.17 15.13
CA GLY A 81 3.03 -5.37 16.43
C GLY A 81 3.99 -5.12 17.56
N ASN A 82 3.48 -5.26 18.79
CA ASN A 82 4.21 -4.96 20.01
C ASN A 82 5.09 -6.13 20.47
N TYR A 83 6.40 -5.96 20.35
CA TYR A 83 7.37 -6.96 20.80
C TYR A 83 8.03 -6.39 22.04
N HIS A 84 7.52 -6.81 23.19
CA HIS A 84 8.05 -6.41 24.49
C HIS A 84 8.22 -4.89 24.69
N GLY A 85 7.24 -4.12 24.22
CA GLY A 85 7.18 -2.70 24.52
C GLY A 85 7.51 -1.77 23.37
N VAL A 86 7.87 -2.34 22.21
CA VAL A 86 8.06 -1.52 21.03
C VAL A 86 7.30 -2.07 19.84
N VAL A 87 6.59 -1.17 19.18
CA VAL A 87 5.84 -1.50 18.00
C VAL A 87 6.81 -1.56 16.83
N VAL A 88 7.07 -2.78 16.34
CA VAL A 88 8.05 -3.02 15.27
C VAL A 88 7.52 -3.97 14.19
N VAL A 89 8.25 -4.03 13.09
CA VAL A 89 7.94 -4.98 12.03
C VAL A 89 8.29 -6.39 12.51
N GLY A 90 7.26 -7.16 12.84
CA GLY A 90 7.43 -8.53 13.29
C GLY A 90 7.65 -9.51 12.15
N LYS A 91 7.08 -9.22 10.99
CA LYS A 91 7.28 -10.01 9.76
C LYS A 91 7.47 -9.08 8.56
N LEU A 92 8.26 -9.51 7.57
CA LEU A 92 8.54 -8.68 6.40
C LEU A 92 8.92 -9.52 5.20
N GLY A 93 8.28 -9.25 4.06
CA GLY A 93 8.54 -9.97 2.82
C GLY A 93 8.52 -9.05 1.62
N PHE A 94 9.05 -9.55 0.50
CA PHE A 94 9.08 -8.80 -0.73
C PHE A 94 8.77 -9.74 -1.89
N SER A 95 8.25 -9.19 -2.98
CA SER A 95 8.14 -9.97 -4.21
C SER A 95 8.72 -9.18 -5.37
N THR A 96 9.39 -9.87 -6.29
CA THR A 96 9.86 -9.26 -7.54
C THR A 96 8.96 -9.72 -8.68
N ASN A 97 9.28 -9.27 -9.90
CA ASN A 97 8.58 -9.72 -11.12
C ASN A 97 8.87 -11.18 -11.43
N LYS A 98 9.91 -11.75 -10.80
CA LYS A 98 10.30 -13.13 -11.04
C LYS A 98 9.91 -14.08 -9.90
N LYS A 99 10.01 -13.64 -8.64
CA LYS A 99 9.70 -14.54 -7.52
C LYS A 99 9.37 -13.86 -6.19
N SER A 100 8.91 -14.67 -5.25
CA SER A 100 8.46 -14.20 -3.94
C SER A 100 9.49 -14.55 -2.86
N TYR A 101 9.70 -13.65 -1.91
CA TYR A 101 10.65 -13.86 -0.82
C TYR A 101 10.00 -13.64 0.54
N GLY A 102 10.27 -14.56 1.46
CA GLY A 102 9.83 -14.42 2.84
C GLY A 102 8.37 -14.80 3.02
N PRO A 103 7.70 -14.25 4.02
CA PRO A 103 8.24 -13.18 4.86
C PRO A 103 9.26 -13.70 5.88
N PHE A 104 10.00 -12.76 6.46
CA PHE A 104 11.03 -13.05 7.45
C PHE A 104 10.60 -12.43 8.77
N GLY A 105 10.87 -13.13 9.87
CA GLY A 105 10.32 -12.80 11.19
C GLY A 105 9.20 -13.75 11.59
N ASN A 106 9.06 -13.97 12.89
CA ASN A 106 8.11 -14.93 13.43
C ASN A 106 7.09 -14.35 14.40
N THR A 107 6.95 -13.03 14.42
CA THR A 107 6.00 -12.40 15.32
C THR A 107 4.84 -11.76 14.58
N GLY A 108 3.67 -12.38 14.71
CA GLY A 108 2.45 -11.89 14.11
C GLY A 108 2.01 -10.56 14.69
N GLY A 109 1.19 -9.83 13.92
CA GLY A 109 0.64 -8.57 14.37
C GLY A 109 -0.40 -8.06 13.38
N THR A 110 -0.49 -6.74 13.24
CA THR A 110 -1.38 -6.12 12.28
C THR A 110 -0.73 -6.23 10.91
N PRO A 111 -1.41 -6.88 9.98
CA PRO A 111 -0.86 -7.02 8.65
C PRO A 111 -0.94 -5.75 7.80
N PHE A 112 0.03 -5.64 6.89
CA PHE A 112 -0.01 -4.68 5.81
C PHE A 112 0.47 -5.37 4.54
N SER A 113 0.15 -4.78 3.40
CA SER A 113 0.48 -5.37 2.10
C SER A 113 0.52 -4.26 1.09
N LEU A 114 1.52 -4.29 0.22
CA LEU A 114 1.61 -3.32 -0.86
C LEU A 114 1.94 -4.03 -2.17
N PRO A 115 0.92 -4.54 -2.86
CA PRO A 115 1.08 -5.04 -4.21
C PRO A 115 1.15 -3.86 -5.17
N ILE A 116 2.02 -3.96 -6.16
CA ILE A 116 2.28 -2.86 -7.07
C ILE A 116 1.95 -3.37 -8.46
N ALA A 117 0.76 -3.03 -8.94
CA ALA A 117 0.26 -3.51 -10.22
C ALA A 117 1.04 -2.86 -11.37
N ALA A 118 1.44 -1.61 -11.18
CA ALA A 118 2.31 -0.94 -12.13
C ALA A 118 3.26 -0.04 -11.38
N GLY A 119 4.54 -0.14 -11.69
CA GLY A 119 5.58 0.59 -10.97
C GLY A 119 6.52 -0.34 -10.20
N LYS A 120 7.43 0.26 -9.44
CA LYS A 120 8.42 -0.50 -8.70
C LYS A 120 8.82 0.21 -7.41
N ILE A 121 9.51 -0.51 -6.53
CA ILE A 121 10.09 0.10 -5.34
C ILE A 121 11.49 0.55 -5.70
N SER A 122 11.79 1.81 -5.42
CA SER A 122 13.09 2.39 -5.78
C SER A 122 13.89 2.82 -4.57
N GLY A 123 13.37 2.58 -3.37
CA GLY A 123 14.04 3.03 -2.15
C GLY A 123 13.17 2.94 -0.91
N PHE A 124 13.77 3.24 0.24
CA PHE A 124 13.13 3.04 1.52
C PHE A 124 13.23 4.25 2.44
N PHE A 125 12.26 4.37 3.34
CA PHE A 125 12.36 5.26 4.48
C PHE A 125 11.69 4.59 5.66
N GLY A 126 11.91 5.11 6.87
CA GLY A 126 11.26 4.54 8.04
C GLY A 126 11.91 4.96 9.33
N ARG A 127 11.83 4.06 10.32
CA ARG A 127 12.42 4.27 11.63
C ARG A 127 13.17 3.02 12.04
N GLY A 128 14.27 3.18 12.77
CA GLY A 128 15.09 2.06 13.22
C GLY A 128 15.75 2.29 14.56
N GLY A 129 15.92 1.22 15.34
CA GLY A 129 16.69 1.28 16.58
C GLY A 129 17.42 -0.02 16.82
N ASP A 130 16.97 -0.78 17.80
CA ASP A 130 17.43 -2.14 18.01
C ASP A 130 16.83 -3.05 16.91
N PHE A 131 15.60 -2.74 16.49
CA PHE A 131 14.88 -3.50 15.46
C PHE A 131 14.30 -2.55 14.39
N ILE A 132 13.69 -3.08 13.33
CA ILE A 132 13.02 -2.21 12.33
C ILE A 132 11.66 -1.79 12.86
N ASP A 133 11.62 -0.60 13.46
CA ASP A 133 10.39 -0.06 14.04
C ASP A 133 9.32 0.17 12.98
N ALA A 134 9.74 0.63 11.82
CA ALA A 134 8.83 0.90 10.73
C ALA A 134 9.57 0.99 9.39
N ILE A 135 8.82 0.74 8.33
CA ILE A 135 9.36 0.75 6.99
C ILE A 135 8.35 1.28 5.99
N GLY A 136 8.85 2.09 5.06
CA GLY A 136 8.07 2.67 3.99
C GLY A 136 8.86 2.61 2.71
N VAL A 137 8.26 3.07 1.62
CA VAL A 137 8.78 2.80 0.29
C VAL A 137 8.57 3.99 -0.66
N TYR A 138 9.61 4.32 -1.44
CA TYR A 138 9.48 5.23 -2.59
C TYR A 138 9.00 4.41 -3.77
N LEU A 139 8.12 4.98 -4.59
CA LEU A 139 7.65 4.31 -5.81
C LEU A 139 7.98 5.11 -7.07
N GLU A 140 8.26 4.40 -8.15
CA GLU A 140 8.52 5.03 -9.44
C GLU A 140 7.87 4.25 -10.57
N PRO A 141 7.60 4.93 -11.68
CA PRO A 141 7.03 4.29 -12.86
C PRO A 141 7.82 3.09 -13.36
N ASN B 2 2.72 7.77 -18.53
CA ASN B 2 2.61 6.30 -18.29
C ASN B 2 3.61 5.80 -17.25
N GLY B 3 3.65 6.50 -16.12
CA GLY B 3 4.06 5.90 -14.88
C GLY B 3 2.86 5.19 -14.30
N ALA B 4 1.66 4.93 -14.69
CA ALA B 4 0.46 5.33 -13.97
C ALA B 4 0.68 5.08 -12.47
N ILE B 5 1.64 4.36 -12.09
CA ILE B 5 1.83 3.88 -10.72
C ILE B 5 0.49 3.43 -10.17
N LYS B 6 0.30 2.12 -10.22
CA LYS B 6 -0.90 1.47 -9.77
C LYS B 6 -0.52 0.63 -8.59
N VAL B 7 -1.23 0.84 -7.50
CA VAL B 7 -0.91 0.21 -6.26
C VAL B 7 -2.14 -0.56 -5.81
N GLY B 8 -1.92 -1.85 -5.60
CA GLY B 8 -2.91 -2.69 -5.00
C GLY B 8 -3.65 -3.59 -5.96
N ALA B 9 -5.01 -3.43 -5.87
CA ALA B 9 -5.90 -4.53 -5.64
C ALA B 9 -5.45 -5.16 -4.30
N TRP B 10 -6.47 -4.68 -3.55
CA TRP B 10 -6.73 -5.38 -2.28
C TRP B 10 -8.12 -6.00 -2.29
N GLY B 11 -8.20 -7.30 -2.01
CA GLY B 11 -9.48 -8.01 -1.96
C GLY B 11 -9.42 -9.35 -2.66
N GLY B 12 -10.58 -9.85 -3.09
CA GLY B 12 -10.67 -11.16 -3.71
C GLY B 12 -10.48 -11.16 -5.21
N ASN B 13 -10.50 -12.36 -5.80
CA ASN B 13 -10.30 -12.57 -7.22
C ASN B 13 -11.61 -12.71 -7.98
N GLY B 14 -12.73 -12.52 -7.26
CA GLY B 14 -14.06 -12.64 -7.86
C GLY B 14 -14.48 -11.40 -8.64
N GLY B 15 -15.66 -11.47 -9.25
CA GLY B 15 -16.21 -10.35 -10.02
C GLY B 15 -15.45 -10.08 -11.30
N SER B 16 -15.76 -8.96 -11.94
CA SER B 16 -15.10 -8.56 -13.18
C SER B 16 -14.17 -7.38 -12.92
N ALA B 17 -13.00 -7.41 -13.54
CA ALA B 17 -12.06 -6.29 -13.46
C ALA B 17 -12.68 -4.95 -13.90
N PHE B 18 -12.29 -3.88 -13.22
CA PHE B 18 -12.62 -2.53 -13.64
C PHE B 18 -11.38 -1.66 -13.51
N ASP B 19 -11.35 -0.57 -14.27
CA ASP B 19 -10.17 0.29 -14.32
C ASP B 19 -10.54 1.62 -14.94
N MET B 20 -10.62 2.66 -14.13
CA MET B 20 -11.00 3.96 -14.68
C MET B 20 -9.83 4.78 -15.19
N GLY B 21 -8.60 4.33 -14.94
CA GLY B 21 -7.43 5.10 -15.28
C GLY B 21 -7.32 6.29 -14.34
N PRO B 22 -6.27 7.09 -14.49
CA PRO B 22 -6.10 8.27 -13.67
C PRO B 22 -6.99 9.42 -14.15
N ALA B 23 -7.21 10.41 -13.29
CA ALA B 23 -7.99 11.60 -13.63
C ALA B 23 -7.20 12.89 -13.46
N TYR B 24 -7.65 13.94 -14.13
CA TYR B 24 -7.12 15.28 -13.88
C TYR B 24 -7.46 15.68 -12.46
N ARG B 25 -8.69 15.35 -12.06
CA ARG B 25 -9.15 15.69 -10.71
C ARG B 25 -10.30 14.77 -10.30
N ILE B 26 -10.15 14.13 -9.14
CA ILE B 26 -11.27 13.43 -8.52
C ILE B 26 -12.16 14.52 -7.94
N ILE B 27 -13.41 14.57 -8.37
CA ILE B 27 -14.34 15.54 -7.81
C ILE B 27 -14.95 14.97 -6.54
N SER B 28 -15.56 13.79 -6.66
CA SER B 28 -16.15 13.14 -5.49
C SER B 28 -16.14 11.62 -5.59
N VAL B 29 -16.05 10.98 -4.43
CA VAL B 29 -16.07 9.53 -4.33
C VAL B 29 -17.28 9.17 -3.46
N LYS B 30 -18.12 8.27 -3.95
CA LYS B 30 -19.32 7.87 -3.25
C LYS B 30 -19.22 6.37 -2.95
N ILE B 31 -19.17 6.02 -1.66
CA ILE B 31 -19.05 4.62 -1.25
C ILE B 31 -20.40 4.06 -0.82
N PHE B 32 -20.87 3.07 -1.56
CA PHE B 32 -22.09 2.31 -1.23
C PHE B 32 -21.77 1.17 -0.26
N SER B 33 -22.50 1.11 0.83
CA SER B 33 -22.08 0.37 2.01
C SER B 33 -23.27 -0.16 2.80
N GLY B 34 -23.18 -1.41 3.22
CA GLY B 34 -24.11 -2.03 4.17
C GLY B 34 -23.30 -2.75 5.24
N ASP B 35 -23.47 -4.06 5.36
CA ASP B 35 -22.58 -4.82 6.25
C ASP B 35 -21.25 -5.17 5.51
N VAL B 36 -21.25 -4.93 4.19
CA VAL B 36 -20.07 -5.04 3.33
C VAL B 36 -19.97 -3.78 2.45
N VAL B 37 -18.87 -3.60 1.72
CA VAL B 37 -18.77 -2.52 0.74
C VAL B 37 -19.35 -2.99 -0.59
N ASP B 38 -20.48 -2.43 -0.98
CA ASP B 38 -21.19 -2.84 -2.18
C ASP B 38 -20.60 -2.24 -3.44
N ALA B 39 -20.18 -0.98 -3.36
CA ALA B 39 -19.78 -0.24 -4.56
C ALA B 39 -19.11 1.11 -4.31
N VAL B 40 -18.45 1.62 -5.35
CA VAL B 40 -17.92 2.98 -5.38
C VAL B 40 -18.33 3.64 -6.70
N ASP B 41 -18.90 4.83 -6.60
CA ASP B 41 -19.04 5.72 -7.74
C ASP B 41 -17.96 6.77 -7.62
N VAL B 42 -17.36 7.13 -8.75
CA VAL B 42 -16.36 8.18 -8.79
C VAL B 42 -16.76 9.19 -9.87
N THR B 43 -16.84 10.46 -9.48
CA THR B 43 -17.05 11.55 -10.42
C THR B 43 -15.72 12.30 -10.56
N PHE B 44 -15.24 12.46 -11.79
CA PHE B 44 -13.91 13.04 -12.02
C PHE B 44 -13.86 13.79 -13.34
N THR B 45 -12.83 14.62 -13.53
CA THR B 45 -12.65 15.31 -14.82
C THR B 45 -11.61 14.56 -15.65
N TYR B 46 -11.97 13.74 -16.54
CA TYR B 46 -11.25 13.28 -17.72
C TYR B 46 -11.00 14.51 -18.63
N TYR B 47 -10.70 14.34 -19.90
CA TYR B 47 -9.96 15.29 -20.76
C TYR B 47 -10.89 16.43 -21.14
N GLY B 48 -11.13 17.32 -20.17
CA GLY B 48 -12.12 18.38 -20.28
C GLY B 48 -13.49 17.99 -19.78
N LYS B 49 -13.83 16.70 -19.85
CA LYS B 49 -15.18 16.20 -19.55
C LYS B 49 -15.27 15.75 -18.09
N THR B 50 -16.43 15.95 -17.47
CA THR B 50 -16.66 15.42 -16.12
C THR B 50 -17.50 14.12 -16.20
N GLU B 51 -16.84 12.99 -15.98
CA GLU B 51 -17.45 11.67 -16.09
C GLU B 51 -17.67 11.09 -14.69
N THR B 52 -18.54 10.08 -14.59
CA THR B 52 -18.67 9.27 -13.37
C THR B 52 -18.78 7.80 -13.75
N ARG B 53 -18.34 6.89 -12.88
CA ARG B 53 -18.13 5.51 -13.35
C ARG B 53 -18.88 4.33 -12.72
N HIS B 54 -19.36 4.42 -11.49
CA HIS B 54 -20.19 3.31 -10.93
C HIS B 54 -19.52 1.94 -10.92
N PHE B 55 -18.77 1.66 -9.87
CA PHE B 55 -18.10 0.37 -9.72
C PHE B 55 -18.77 -0.42 -8.60
N GLY B 56 -18.57 -1.73 -8.61
CA GLY B 56 -19.18 -2.62 -7.62
C GLY B 56 -20.60 -2.94 -8.03
N GLY B 57 -21.47 -3.13 -7.04
CA GLY B 57 -22.86 -3.49 -7.28
C GLY B 57 -23.84 -2.42 -6.82
N SER B 58 -25.14 -2.73 -7.00
CA SER B 58 -26.24 -1.79 -6.77
C SER B 58 -26.09 -1.19 -5.38
N GLY B 59 -26.34 -2.00 -4.35
CA GLY B 59 -25.72 -1.79 -3.07
C GLY B 59 -26.57 -1.56 -1.86
N GLY B 60 -25.97 -0.94 -0.85
CA GLY B 60 -26.66 -0.52 0.35
C GLY B 60 -26.74 0.99 0.34
N THR B 61 -26.22 1.63 1.38
CA THR B 61 -26.39 3.07 1.57
C THR B 61 -25.16 3.85 1.10
N PRO B 62 -25.39 4.91 0.33
CA PRO B 62 -24.30 5.74 -0.16
C PRO B 62 -23.72 6.67 0.91
N HIS B 63 -22.42 6.91 0.83
CA HIS B 63 -21.72 7.93 1.62
C HIS B 63 -20.77 8.67 0.69
N GLU B 64 -20.99 9.98 0.53
CA GLU B 64 -20.30 10.75 -0.49
C GLU B 64 -19.18 11.60 0.11
N ILE B 65 -18.00 11.49 -0.48
CA ILE B 65 -16.87 12.34 -0.12
C ILE B 65 -16.74 13.39 -1.22
N VAL B 66 -17.10 14.63 -0.91
CA VAL B 66 -16.96 15.72 -1.86
C VAL B 66 -15.65 16.45 -1.58
N LEU B 67 -14.73 16.40 -2.53
CA LEU B 67 -13.43 17.06 -2.39
C LEU B 67 -13.54 18.53 -2.75
N GLN B 68 -12.84 19.38 -1.98
CA GLN B 68 -12.91 20.83 -2.11
C GLN B 68 -11.58 21.48 -2.57
N GLU B 69 -11.06 22.74 -2.98
CA GLU B 69 -10.19 22.79 -4.20
C GLU B 69 -8.74 22.28 -4.05
N GLY B 70 -8.65 22.51 -2.75
CA GLY B 70 -7.39 22.24 -2.05
C GLY B 70 -7.26 20.83 -1.48
N GLU B 71 -8.32 20.03 -1.63
CA GLU B 71 -8.44 18.74 -0.96
C GLU B 71 -8.15 17.55 -1.89
N TYR B 72 -7.17 16.72 -1.51
CA TYR B 72 -6.79 15.54 -2.29
C TYR B 72 -6.80 14.27 -1.44
N LEU B 73 -6.98 13.12 -2.08
CA LEU B 73 -7.00 11.84 -1.37
C LEU B 73 -5.56 11.40 -1.12
N VAL B 74 -5.20 11.32 0.16
CA VAL B 74 -3.85 10.96 0.54
C VAL B 74 -3.81 9.72 1.42
N GLY B 75 -4.89 8.94 1.41
CA GLY B 75 -4.96 7.72 2.20
C GLY B 75 -6.15 6.85 1.87
N MET B 76 -5.94 5.54 1.91
CA MET B 76 -7.00 4.57 1.77
C MET B 76 -6.70 3.41 2.73
N LYS B 77 -7.71 3.00 3.47
CA LYS B 77 -7.61 1.90 4.42
C LYS B 77 -8.83 1.04 4.23
N GLY B 78 -8.75 -0.18 4.72
CA GLY B 78 -9.90 -1.05 4.70
C GLY B 78 -9.61 -2.42 5.25
N GLU B 79 -10.56 -3.32 5.04
CA GLU B 79 -10.46 -4.71 5.42
C GLU B 79 -11.17 -5.56 4.39
N PHE B 80 -10.59 -6.71 4.04
CA PHE B 80 -11.24 -7.64 3.14
C PHE B 80 -11.41 -9.00 3.81
N GLY B 81 -12.55 -9.62 3.56
CA GLY B 81 -12.91 -10.86 4.24
C GLY B 81 -13.95 -11.65 3.50
N ASN B 82 -14.17 -12.87 3.97
CA ASN B 82 -15.18 -13.74 3.41
C ASN B 82 -16.56 -13.23 3.81
N TYR B 83 -17.47 -13.24 2.84
CA TYR B 83 -18.84 -12.80 3.05
C TYR B 83 -19.73 -13.70 2.20
N HIS B 84 -20.25 -14.74 2.84
CA HIS B 84 -21.10 -15.74 2.19
C HIS B 84 -20.44 -16.32 0.94
N GLY B 85 -19.22 -16.81 1.11
CA GLY B 85 -18.50 -17.54 0.06
C GLY B 85 -17.70 -16.70 -0.91
N VAL B 86 -17.60 -15.40 -0.65
CA VAL B 86 -16.79 -14.53 -1.51
C VAL B 86 -15.95 -13.53 -0.72
N VAL B 87 -14.68 -13.41 -1.09
CA VAL B 87 -13.78 -12.45 -0.49
C VAL B 87 -13.98 -11.06 -1.10
N VAL B 88 -14.56 -10.15 -0.33
CA VAL B 88 -14.83 -8.80 -0.78
C VAL B 88 -14.34 -7.81 0.24
N VAL B 89 -14.30 -6.55 -0.16
CA VAL B 89 -13.97 -5.48 0.78
C VAL B 89 -15.17 -5.34 1.75
N GLY B 90 -14.92 -5.63 3.03
CA GLY B 90 -15.93 -5.52 4.09
C GLY B 90 -15.93 -4.18 4.78
N LYS B 91 -14.82 -3.45 4.67
CA LYS B 91 -14.69 -2.10 5.20
C LYS B 91 -13.75 -1.28 4.31
N LEU B 92 -14.06 0.00 4.12
CA LEU B 92 -13.28 0.88 3.24
C LEU B 92 -13.34 2.32 3.77
N GLY B 93 -12.18 2.96 3.83
CA GLY B 93 -12.08 4.34 4.28
C GLY B 93 -11.02 5.09 3.50
N PHE B 94 -11.11 6.42 3.54
CA PHE B 94 -10.22 7.30 2.82
C PHE B 94 -9.90 8.46 3.72
N SER B 95 -8.68 8.98 3.65
CA SER B 95 -8.40 10.25 4.29
C SER B 95 -7.87 11.24 3.26
N THR B 96 -8.25 12.50 3.44
CA THR B 96 -7.74 13.61 2.63
C THR B 96 -6.81 14.44 3.48
N ASN B 97 -6.26 15.52 2.90
CA ASN B 97 -5.44 16.47 3.65
C ASN B 97 -6.27 17.36 4.58
N LYS B 98 -7.59 17.32 4.45
CA LYS B 98 -8.48 18.07 5.34
C LYS B 98 -9.06 17.11 6.36
N LYS B 99 -9.80 16.11 5.90
CA LYS B 99 -10.62 15.31 6.78
C LYS B 99 -10.38 13.82 6.53
N SER B 100 -10.91 13.00 7.45
CA SER B 100 -10.84 11.56 7.35
C SER B 100 -12.26 11.01 7.23
N TYR B 101 -12.50 10.13 6.27
CA TYR B 101 -13.84 9.61 6.01
C TYR B 101 -13.90 8.10 6.21
N GLY B 102 -15.00 7.63 6.78
CA GLY B 102 -15.19 6.22 7.01
C GLY B 102 -14.48 5.76 8.28
N PRO B 103 -14.22 4.47 8.42
CA PRO B 103 -14.50 3.46 7.40
C PRO B 103 -15.98 3.11 7.26
N PHE B 104 -16.39 2.74 6.04
CA PHE B 104 -17.76 2.37 5.72
C PHE B 104 -17.82 0.86 5.53
N GLY B 105 -18.92 0.24 5.99
CA GLY B 105 -19.05 -1.22 5.99
C GLY B 105 -18.82 -1.78 7.39
N ASN B 106 -19.32 -2.98 7.64
CA ASN B 106 -19.26 -3.57 9.00
C ASN B 106 -18.81 -5.03 9.08
N THR B 107 -18.17 -5.54 8.03
CA THR B 107 -17.63 -6.90 8.08
C THR B 107 -16.13 -6.85 8.25
N GLY B 108 -15.66 -7.27 9.41
CA GLY B 108 -14.25 -7.28 9.71
C GLY B 108 -13.50 -8.35 8.95
N GLY B 109 -12.21 -8.13 8.77
CA GLY B 109 -11.36 -9.11 8.10
C GLY B 109 -9.90 -8.70 8.08
N THR B 110 -9.17 -9.17 7.08
CA THR B 110 -7.74 -8.89 6.95
C THR B 110 -7.54 -7.43 6.58
N PRO B 111 -6.93 -6.64 7.47
CA PRO B 111 -6.77 -5.22 7.21
C PRO B 111 -5.70 -4.90 6.17
N PHE B 112 -5.90 -3.79 5.48
CA PHE B 112 -4.87 -3.16 4.68
C PHE B 112 -4.90 -1.65 4.93
N SER B 113 -3.82 -0.99 4.55
CA SER B 113 -3.66 0.43 4.80
C SER B 113 -2.65 0.99 3.80
N LEU B 114 -2.99 2.16 3.24
CA LEU B 114 -2.10 2.87 2.34
C LEU B 114 -1.98 4.34 2.80
N PRO B 115 -1.11 4.58 3.75
CA PRO B 115 -0.71 5.95 4.06
C PRO B 115 0.20 6.46 2.95
N ILE B 116 -0.17 7.57 2.35
CA ILE B 116 0.65 8.20 1.33
C ILE B 116 1.39 9.40 1.94
N ALA B 117 2.64 9.21 2.31
CA ALA B 117 3.43 10.26 2.93
C ALA B 117 3.68 11.38 1.94
N ALA B 118 3.73 11.06 0.65
CA ALA B 118 3.92 12.05 -0.39
C ALA B 118 3.23 11.59 -1.65
N GLY B 119 2.42 12.48 -2.22
CA GLY B 119 1.65 12.19 -3.42
C GLY B 119 0.20 12.04 -3.07
N LYS B 120 -0.59 11.56 -4.02
CA LYS B 120 -2.02 11.48 -3.84
C LYS B 120 -2.64 10.44 -4.77
N ILE B 121 -3.89 10.09 -4.47
CA ILE B 121 -4.67 9.20 -5.29
C ILE B 121 -5.22 9.99 -6.47
N SER B 122 -5.09 9.44 -7.66
CA SER B 122 -5.55 10.08 -8.87
C SER B 122 -6.63 9.30 -9.61
N GLY B 123 -6.85 8.04 -9.24
CA GLY B 123 -7.79 7.18 -9.95
C GLY B 123 -8.02 5.86 -9.24
N PHE B 124 -8.83 4.99 -9.84
CA PHE B 124 -9.25 3.75 -9.20
C PHE B 124 -9.25 2.61 -10.19
N PHE B 125 -9.02 1.41 -9.69
CA PHE B 125 -9.25 0.18 -10.42
C PHE B 125 -9.58 -0.89 -9.40
N GLY B 126 -9.89 -2.09 -9.89
CA GLY B 126 -10.19 -3.21 -9.01
C GLY B 126 -11.05 -4.28 -9.65
N ARG B 127 -11.89 -4.90 -8.84
CA ARG B 127 -12.81 -5.94 -9.27
C ARG B 127 -14.16 -5.71 -8.61
N GLY B 128 -15.23 -5.99 -9.35
CA GLY B 128 -16.58 -5.68 -8.93
C GLY B 128 -17.56 -6.70 -9.49
N GLY B 129 -18.54 -7.02 -8.67
CA GLY B 129 -19.63 -7.88 -9.09
C GLY B 129 -20.85 -7.42 -8.33
N ASP B 130 -21.37 -8.32 -7.50
CA ASP B 130 -22.42 -7.96 -6.57
C ASP B 130 -21.93 -6.95 -5.52
N PHE B 131 -20.68 -7.10 -5.08
CA PHE B 131 -20.05 -6.18 -4.11
C PHE B 131 -18.69 -5.73 -4.64
N ILE B 132 -17.94 -4.95 -3.86
CA ILE B 132 -16.54 -4.62 -4.25
C ILE B 132 -15.61 -5.76 -3.88
N ASP B 133 -15.39 -6.66 -4.82
CA ASP B 133 -14.44 -7.76 -4.60
C ASP B 133 -13.07 -7.23 -4.26
N ALA B 134 -12.64 -6.16 -4.94
CA ALA B 134 -11.31 -5.62 -4.74
C ALA B 134 -11.21 -4.17 -5.19
N ILE B 135 -10.20 -3.49 -4.67
CA ILE B 135 -9.96 -2.11 -5.03
C ILE B 135 -8.47 -1.77 -4.95
N GLY B 136 -8.04 -0.97 -5.91
CA GLY B 136 -6.67 -0.45 -5.98
C GLY B 136 -6.70 0.99 -6.44
N VAL B 137 -5.53 1.60 -6.52
CA VAL B 137 -5.45 3.05 -6.62
C VAL B 137 -4.28 3.50 -7.51
N TYR B 138 -4.53 4.51 -8.37
CA TYR B 138 -3.46 5.16 -9.14
C TYR B 138 -2.84 6.24 -8.26
N LEU B 139 -1.51 6.36 -8.28
CA LEU B 139 -0.82 7.41 -7.54
C LEU B 139 -0.11 8.41 -8.45
N GLU B 140 -0.10 9.67 -8.03
CA GLU B 140 0.72 10.69 -8.67
C GLU B 140 1.22 11.69 -7.62
N PRO B 141 2.29 12.40 -7.94
CA PRO B 141 2.92 13.33 -7.00
C PRO B 141 1.97 14.38 -6.45
C1 MMA C . 16.13 -13.71 18.56
C2 MMA C . 17.41 -13.99 17.82
C3 MMA C . 18.09 -12.65 17.75
C4 MMA C . 17.11 -11.59 17.22
C5 MMA C . 15.74 -11.61 17.89
C6 MMA C . 14.78 -10.56 17.32
C7 MMA C . 14.84 -13.80 20.65
O1 MMA C . 16.01 -14.12 19.90
O2 MMA C . 17.09 -14.40 16.51
O3 MMA C . 19.21 -12.75 16.92
O4 MMA C . 17.71 -10.34 17.44
O5 MMA C . 15.17 -12.91 17.94
O6 MMA C . 14.47 -10.79 15.95
C1 MMA D . 15.29 0.57 21.22
C2 MMA D . 15.20 2.04 20.98
C3 MMA D . 13.72 2.21 20.68
C4 MMA D . 13.29 1.29 19.57
C5 MMA D . 13.72 -0.18 19.78
C6 MMA D . 13.45 -1.09 18.59
C7 MMA D . 15.31 -1.33 22.77
O1 MMA D . 15.44 0.07 22.53
O2 MMA D . 15.94 2.40 19.84
O3 MMA D . 13.47 3.55 20.31
O4 MMA D . 11.96 1.54 19.14
O5 MMA D . 15.09 -0.27 20.14
O6 MMA D . 14.05 -0.57 17.42
C1 MMA E . 13.03 -16.79 9.84
C2 MMA E . 14.26 -16.95 10.73
C3 MMA E . 15.44 -16.98 9.78
C4 MMA E . 15.17 -17.90 8.58
C5 MMA E . 13.89 -17.48 7.85
C6 MMA E . 13.63 -18.23 6.53
C7 MMA E . 10.86 -15.82 9.35
O1 MMA E . 12.05 -15.83 10.13
O2 MMA E . 14.26 -18.17 11.43
O3 MMA E . 16.60 -17.42 10.43
O4 MMA E . 16.25 -17.89 7.70
O5 MMA E . 12.82 -17.65 8.74
O6 MMA E . 13.71 -19.62 6.75
ZN ZN F . 24.05 -4.26 7.85
ZN ZN G . 17.35 -16.62 4.36
O1 HEZ H . 27.67 8.98 -2.32
C1 HEZ H . 26.99 10.12 -1.80
C2 HEZ H . 25.93 9.70 -0.79
C3 HEZ H . 24.51 10.08 -1.21
C4 HEZ H . 23.63 8.83 -1.39
C5 HEZ H . 22.15 9.17 -1.33
C6 HEZ H . 21.31 7.92 -1.07
O6 HEZ H . 20.86 7.88 0.29
O1 HEZ I . -3.72 -8.46 -1.42
C1 HEZ I . -2.38 -8.21 -0.94
C2 HEZ I . -1.35 -8.89 -1.85
C3 HEZ I . 0.05 -8.34 -1.57
C4 HEZ I . 1.11 -9.11 -2.36
C5 HEZ I . 2.45 -8.39 -2.38
C6 HEZ I . 3.24 -8.61 -1.08
O6 HEZ I . 4.59 -9.01 -1.36
O1 HEZ J . 9.62 1.95 25.43
C1 HEZ J . 10.69 2.06 24.46
C2 HEZ J . 11.87 1.20 24.88
C3 HEZ J . 11.46 -0.25 25.11
C4 HEZ J . 12.45 -1.23 24.48
C5 HEZ J . 11.99 -2.68 24.63
C6 HEZ J . 12.00 -3.44 23.31
O6 HEZ J . 12.14 -4.85 23.55
C1 MMA K . -27.32 -5.19 3.61
C2 MMA K . -27.99 -3.98 3.03
C3 MMA K . -27.84 -4.20 1.54
C4 MMA K . -26.35 -4.39 1.21
C5 MMA K . -25.70 -5.48 2.06
C6 MMA K . -24.20 -5.60 1.77
C7 MMA K . -27.60 -7.55 4.28
O1 MMA K . -28.13 -6.24 4.09
O2 MMA K . -27.26 -2.82 3.39
O3 MMA K . -28.06 -3.00 0.87
O4 MMA K . -26.30 -4.80 -0.13
O5 MMA K . -25.94 -5.27 3.46
O6 MMA K . -23.54 -4.40 2.10
C1 MMA L . -21.06 -12.48 -7.65
C2 MMA L . -20.13 -12.75 -8.82
C3 MMA L . -18.83 -13.06 -8.12
C4 MMA L . -18.43 -11.92 -7.17
C5 MMA L . -19.58 -11.56 -6.20
C6 MMA L . -19.25 -10.38 -5.32
C7 MMA L . -22.72 -13.31 -6.04
O1 MMA L . -22.08 -13.36 -7.31
O2 MMA L . -19.95 -11.56 -9.54
O3 MMA L . -17.84 -13.32 -9.09
O4 MMA L . -17.10 -12.37 -7.07
O5 MMA L . -20.79 -11.33 -6.90
O6 MMA L . -19.19 -9.20 -6.08
ZN ZN M . -23.47 4.06 -8.91
O1 HEZ N . -10.85 -14.81 -3.57
C1 HEZ N . -9.66 -14.38 -2.89
C2 HEZ N . -8.85 -15.57 -2.39
C3 HEZ N . -7.36 -15.24 -2.30
C4 HEZ N . -7.06 -14.15 -1.28
C5 HEZ N . -6.94 -12.75 -1.90
C6 HEZ N . -6.13 -11.81 -1.01
O6 HEZ N . -4.80 -11.69 -1.53
O1 HEZ O . -15.19 24.04 -19.94
C1 HEZ O . -16.57 24.40 -20.11
C2 HEZ O . -17.40 23.16 -20.45
C3 HEZ O . -18.07 22.56 -19.21
C4 HEZ O . -17.05 21.87 -18.30
C5 HEZ O . -17.44 20.43 -18.01
C6 HEZ O . -18.55 20.35 -16.95
O6 HEZ O . -19.35 19.19 -17.13
O1 HEZ P . -10.14 4.04 7.38
C1 HEZ P . -10.34 5.46 7.49
C2 HEZ P . -9.00 6.16 7.71
C3 HEZ P . -8.21 6.31 6.41
C4 HEZ P . -6.71 6.43 6.66
C5 HEZ P . -5.90 5.95 5.48
C6 HEZ P . -4.40 6.15 5.71
O6 HEZ P . -3.89 5.15 6.61
#